data_8GXD
#
_entry.id   8GXD
#
_cell.length_a   152.990
_cell.length_b   152.990
_cell.length_c   132.020
_cell.angle_alpha   90.000
_cell.angle_beta   90.000
_cell.angle_gamma   90.000
#
_symmetry.space_group_name_H-M   'I 4 2 2'
#
loop_
_entity.id
_entity.type
_entity.pdbx_description
1 polymer 'Glu/Leu/Phe/Val dehydrogenase'
2 non-polymer GLYCEROL
3 non-polymer 'CALCIUM ION'
4 water water
#
_entity_poly.entity_id   1
_entity_poly.type   'polypeptide(L)'
_entity_poly.pdbx_seq_one_letter_code
;MVETNVEARFSIFETMAMEDYEQVVFCHDKVSGLKAIIAIHDTTLGPALGGLRMWNYASDEEALIDALRLAKGMTYKNAA
AGLNLGGGKAVIIGDAKTQKSEALFRAFGRYVQSLNGRYITAEDVNTTVADMDYIHMETDFVTGVSPAFGSSGNPSPVTA
YGVYRGMKAAAKEVYGTDSLGGKTVAIQGVGNVAFNLCRHLHEEGAKLIVTDINQDALRRAEEAFGALVVGPDEIYSVDA
DIFAPCALGATLNDETIPQLKVKIIAGAANNQLKEDRHGDMLQERGILYTPDFVINAGGVINVADELDGYNRERAMKKVE
LVYDAVAKVIEIAKRDHLPTYRAAEKMAEERIATMGSARSQFLRRDKNILGSRG
;
_entity_poly.pdbx_strand_id   A
#
# COMPACT_ATOMS: atom_id res chain seq x y z
N ARG A 9 -12.85 20.14 -16.82
CA ARG A 9 -11.52 20.80 -16.89
C ARG A 9 -10.43 19.78 -17.22
N PHE A 10 -10.48 18.58 -16.60
CA PHE A 10 -9.37 17.58 -16.54
C PHE A 10 -8.74 17.32 -17.92
N SER A 11 -7.42 17.58 -18.01
CA SER A 11 -6.57 17.46 -19.24
C SER A 11 -5.36 16.56 -18.91
N ILE A 12 -5.30 15.35 -19.49
CA ILE A 12 -4.19 14.37 -19.27
C ILE A 12 -2.87 15.12 -19.01
N PHE A 13 -2.49 16.05 -19.90
CA PHE A 13 -1.13 16.66 -19.92
C PHE A 13 -0.98 17.72 -18.83
N GLU A 14 -1.99 18.54 -18.60
CA GLU A 14 -1.93 19.54 -17.52
C GLU A 14 -1.73 18.83 -16.17
N THR A 15 -2.29 17.63 -16.00
CA THR A 15 -2.16 16.81 -14.76
C THR A 15 -0.75 16.23 -14.68
N MET A 16 -0.25 15.70 -15.80
CA MET A 16 1.12 15.13 -15.92
C MET A 16 2.15 16.22 -15.60
N ALA A 17 1.90 17.45 -16.09
CA ALA A 17 2.73 18.65 -15.85
C ALA A 17 2.69 19.01 -14.36
N MET A 18 1.51 19.29 -13.81
CA MET A 18 1.30 19.78 -12.42
C MET A 18 1.88 18.76 -11.43
N GLU A 19 1.69 17.47 -11.66
CA GLU A 19 2.03 16.37 -10.71
C GLU A 19 3.42 15.78 -11.02
N ASP A 20 3.92 16.02 -12.25
CA ASP A 20 5.18 15.47 -12.83
C ASP A 20 5.04 13.95 -12.94
N TYR A 21 4.18 13.51 -13.87
CA TYR A 21 4.09 12.11 -14.37
C TYR A 21 5.04 11.96 -15.55
N GLU A 22 5.70 10.80 -15.66
CA GLU A 22 6.64 10.48 -16.77
C GLU A 22 5.86 9.99 -17.99
N GLN A 23 5.00 8.99 -17.80
CA GLN A 23 4.44 8.19 -18.92
C GLN A 23 3.05 7.66 -18.55
N VAL A 24 2.11 7.68 -19.49
CA VAL A 24 0.80 6.99 -19.39
C VAL A 24 0.57 6.21 -20.69
N VAL A 25 0.42 4.88 -20.59
CA VAL A 25 0.31 3.95 -21.75
C VAL A 25 -1.10 3.34 -21.81
N PHE A 26 -1.81 3.64 -22.90
CA PHE A 26 -3.16 3.10 -23.22
C PHE A 26 -2.98 1.91 -24.18
N CYS A 27 -3.51 0.76 -23.78
CA CYS A 27 -3.34 -0.55 -24.48
C CYS A 27 -4.71 -1.14 -24.83
N HIS A 28 -4.85 -1.66 -26.04
CA HIS A 28 -6.07 -2.35 -26.55
C HIS A 28 -5.66 -3.63 -27.27
N ASP A 29 -6.45 -4.69 -27.07
CA ASP A 29 -6.42 -5.90 -27.93
C ASP A 29 -7.85 -6.21 -28.38
N LYS A 30 -8.05 -6.44 -29.69
CA LYS A 30 -9.37 -6.78 -30.29
C LYS A 30 -9.98 -7.99 -29.55
N VAL A 31 -9.44 -9.21 -29.75
CA VAL A 31 -10.15 -10.49 -29.41
C VAL A 31 -10.40 -10.57 -27.91
N SER A 32 -9.55 -9.97 -27.08
CA SER A 32 -9.71 -10.00 -25.60
C SER A 32 -10.56 -8.83 -25.11
N GLY A 33 -10.85 -7.86 -25.98
CA GLY A 33 -11.51 -6.59 -25.62
C GLY A 33 -10.77 -5.85 -24.52
N LEU A 34 -9.44 -5.99 -24.45
CA LEU A 34 -8.57 -5.36 -23.42
C LEU A 34 -8.56 -3.84 -23.62
N LYS A 35 -8.96 -3.11 -22.57
CA LYS A 35 -8.74 -1.65 -22.42
C LYS A 35 -7.97 -1.49 -21.12
N ALA A 36 -6.66 -1.19 -21.21
CA ALA A 36 -5.74 -1.07 -20.05
C ALA A 36 -5.03 0.29 -20.08
N ILE A 37 -4.86 0.88 -18.91
CA ILE A 37 -4.03 2.09 -18.66
C ILE A 37 -2.88 1.67 -17.74
N ILE A 38 -1.64 1.73 -18.24
CA ILE A 38 -0.40 1.69 -17.41
C ILE A 38 0.02 3.15 -17.16
N ALA A 39 0.10 3.53 -15.89
CA ALA A 39 0.49 4.88 -15.43
C ALA A 39 1.81 4.78 -14.68
N ILE A 40 2.82 5.53 -15.15
CA ILE A 40 4.19 5.62 -14.57
C ILE A 40 4.42 7.08 -14.15
N HIS A 41 4.58 7.31 -12.85
CA HIS A 41 4.75 8.66 -12.25
C HIS A 41 6.23 9.07 -12.21
N ASP A 42 7.05 8.36 -11.45
CA ASP A 42 8.48 8.71 -11.24
C ASP A 42 9.31 7.42 -11.13
N THR A 43 10.41 7.32 -11.90
CA THR A 43 11.29 6.12 -11.96
C THR A 43 12.73 6.52 -11.63
N THR A 44 12.91 7.58 -10.85
CA THR A 44 14.23 8.07 -10.37
C THR A 44 14.95 6.90 -9.68
N LEU A 45 14.23 6.14 -8.85
CA LEU A 45 14.78 5.11 -7.94
C LEU A 45 14.93 3.77 -8.64
N GLY A 46 14.17 3.54 -9.71
CA GLY A 46 14.28 2.30 -10.51
C GLY A 46 13.00 2.04 -11.30
N PRO A 47 12.79 0.78 -11.72
CA PRO A 47 11.54 0.39 -12.38
C PRO A 47 10.32 0.73 -11.52
N ALA A 48 9.23 1.13 -12.18
CA ALA A 48 7.91 1.42 -11.54
C ALA A 48 7.25 0.09 -11.19
N LEU A 49 7.07 -0.19 -9.90
CA LEU A 49 6.30 -1.37 -9.45
C LEU A 49 4.93 -0.91 -8.93
N GLY A 50 3.88 -1.62 -9.34
CA GLY A 50 2.47 -1.32 -9.02
C GLY A 50 1.55 -2.45 -9.44
N GLY A 51 0.53 -2.73 -8.63
CA GLY A 51 -0.45 -3.79 -8.89
C GLY A 51 -1.24 -3.54 -10.17
N LEU A 52 -1.56 -4.60 -10.92
CA LEU A 52 -2.63 -4.57 -11.94
C LEU A 52 -3.96 -4.69 -11.21
N ARG A 53 -4.90 -3.81 -11.52
CA ARG A 53 -6.21 -3.70 -10.83
C ARG A 53 -7.29 -3.70 -11.92
N MET A 54 -8.27 -4.62 -11.83
CA MET A 54 -9.37 -4.74 -12.82
C MET A 54 -10.68 -4.25 -12.19
N TRP A 55 -11.44 -3.42 -12.91
CA TRP A 55 -12.60 -2.67 -12.36
C TRP A 55 -13.52 -2.20 -13.48
N ASN A 56 -14.80 -2.02 -13.14
CA ASN A 56 -15.88 -1.66 -14.10
C ASN A 56 -16.09 -0.14 -14.04
N TYR A 57 -15.09 0.61 -14.50
CA TYR A 57 -15.07 2.08 -14.52
C TYR A 57 -16.22 2.59 -15.39
N ALA A 58 -16.89 3.65 -14.93
CA ALA A 58 -18.05 4.29 -15.59
C ALA A 58 -17.65 4.95 -16.92
N SER A 59 -16.39 5.38 -17.05
CA SER A 59 -15.85 6.12 -18.22
C SER A 59 -14.34 5.88 -18.36
N ASP A 60 -13.79 6.10 -19.54
CA ASP A 60 -12.31 6.23 -19.74
C ASP A 60 -11.74 7.11 -18.61
N GLU A 61 -12.29 8.32 -18.42
CA GLU A 61 -11.76 9.36 -17.50
C GLU A 61 -11.66 8.80 -16.07
N GLU A 62 -12.71 8.17 -15.55
CA GLU A 62 -12.73 7.56 -14.19
C GLU A 62 -11.47 6.71 -14.00
N ALA A 63 -11.13 5.90 -15.02
CA ALA A 63 -10.05 4.88 -15.00
C ALA A 63 -8.69 5.58 -14.99
N LEU A 64 -8.48 6.50 -15.93
CA LEU A 64 -7.25 7.33 -16.01
C LEU A 64 -6.97 7.97 -14.64
N ILE A 65 -7.93 8.72 -14.09
CA ILE A 65 -7.80 9.42 -12.78
C ILE A 65 -7.36 8.41 -11.72
N ASP A 66 -7.98 7.23 -11.66
CA ASP A 66 -7.67 6.18 -10.65
C ASP A 66 -6.24 5.69 -10.90
N ALA A 67 -5.89 5.42 -12.16
CA ALA A 67 -4.55 4.91 -12.55
C ALA A 67 -3.49 5.89 -12.08
N LEU A 68 -3.62 7.16 -12.48
CA LEU A 68 -2.70 8.26 -12.10
C LEU A 68 -2.62 8.34 -10.57
N ARG A 69 -3.76 8.57 -9.89
CA ARG A 69 -3.83 8.69 -8.41
C ARG A 69 -3.00 7.57 -7.78
N LEU A 70 -3.24 6.33 -8.19
CA LEU A 70 -2.67 5.12 -7.53
C LEU A 70 -1.19 4.97 -7.86
N ALA A 71 -0.77 5.48 -9.03
CA ALA A 71 0.62 5.45 -9.53
C ALA A 71 1.48 6.39 -8.69
N LYS A 72 1.11 7.67 -8.59
CA LYS A 72 1.78 8.64 -7.70
C LYS A 72 1.82 8.05 -6.28
N GLY A 73 0.79 7.30 -5.87
CA GLY A 73 0.72 6.65 -4.55
C GLY A 73 1.87 5.69 -4.32
N MET A 74 2.24 4.93 -5.35
CA MET A 74 3.30 3.90 -5.28
C MET A 74 4.67 4.59 -5.24
N THR A 75 4.83 5.73 -5.91
CA THR A 75 6.06 6.55 -5.87
C THR A 75 6.47 6.80 -4.41
N TYR A 76 5.51 7.18 -3.57
CA TYR A 76 5.71 7.54 -2.13
C TYR A 76 5.84 6.26 -1.31
N LYS A 77 4.92 5.32 -1.51
CA LYS A 77 4.90 3.99 -0.85
C LYS A 77 6.32 3.41 -0.92
N ASN A 78 6.83 3.27 -2.15
CA ASN A 78 8.08 2.56 -2.51
C ASN A 78 9.30 3.37 -2.06
N ALA A 79 9.33 4.67 -2.35
CA ALA A 79 10.43 5.58 -1.95
C ALA A 79 10.62 5.48 -0.43
N ALA A 80 9.56 5.72 0.35
CA ALA A 80 9.58 5.71 1.83
C ALA A 80 9.99 4.32 2.34
N ALA A 81 9.51 3.27 1.68
CA ALA A 81 9.78 1.85 2.03
C ALA A 81 11.28 1.53 1.84
N GLY A 82 12.04 2.45 1.24
CA GLY A 82 13.49 2.31 1.03
C GLY A 82 13.78 1.40 -0.14
N LEU A 83 12.80 1.24 -1.02
CA LEU A 83 12.87 0.31 -2.17
C LEU A 83 13.43 1.08 -3.36
N ASN A 84 14.18 0.39 -4.22
CA ASN A 84 14.80 0.97 -5.43
C ASN A 84 13.82 0.81 -6.58
N LEU A 85 12.60 1.33 -6.38
CA LEU A 85 11.46 1.23 -7.32
C LEU A 85 10.77 2.59 -7.45
N GLY A 86 10.21 2.85 -8.63
CA GLY A 86 9.42 4.06 -8.91
C GLY A 86 7.93 3.81 -8.71
N GLY A 87 7.12 4.82 -9.02
CA GLY A 87 5.66 4.81 -8.84
C GLY A 87 4.96 4.50 -10.15
N GLY A 88 4.36 3.32 -10.24
CA GLY A 88 3.50 2.93 -11.38
C GLY A 88 2.29 2.16 -10.88
N LYS A 89 1.28 2.05 -11.73
CA LYS A 89 0.06 1.26 -11.43
C LYS A 89 -0.62 1.02 -12.77
N ALA A 90 -1.18 -0.17 -12.95
CA ALA A 90 -1.96 -0.53 -14.15
C ALA A 90 -3.39 -0.83 -13.71
N VAL A 91 -4.27 -0.91 -14.70
CA VAL A 91 -5.73 -0.84 -14.56
C VAL A 91 -6.33 -1.41 -15.84
N ILE A 92 -7.17 -2.44 -15.73
CA ILE A 92 -8.03 -2.91 -16.86
C ILE A 92 -9.47 -2.44 -16.59
N ILE A 93 -10.16 -1.97 -17.63
CA ILE A 93 -11.57 -1.52 -17.58
C ILE A 93 -12.44 -2.70 -18.00
N GLY A 94 -13.30 -3.18 -17.10
CA GLY A 94 -14.23 -4.30 -17.38
C GLY A 94 -14.65 -5.09 -16.13
N ASP A 95 -15.54 -6.07 -16.33
CA ASP A 95 -16.15 -6.91 -15.27
C ASP A 95 -15.22 -8.10 -15.01
N ALA A 96 -14.53 -8.09 -13.86
CA ALA A 96 -13.65 -9.17 -13.36
C ALA A 96 -14.40 -10.51 -13.31
N LYS A 97 -15.73 -10.48 -13.17
CA LYS A 97 -16.60 -11.68 -13.08
C LYS A 97 -16.67 -12.40 -14.43
N THR A 98 -16.68 -11.65 -15.54
CA THR A 98 -17.14 -12.17 -16.85
C THR A 98 -16.09 -12.05 -17.97
N GLN A 99 -15.12 -11.12 -17.86
CA GLN A 99 -14.28 -10.69 -19.02
C GLN A 99 -12.82 -11.13 -18.91
N LYS A 100 -12.42 -11.75 -17.79
CA LYS A 100 -11.09 -12.40 -17.68
C LYS A 100 -11.01 -13.52 -18.73
N SER A 101 -9.98 -13.51 -19.57
CA SER A 101 -9.61 -14.60 -20.50
C SER A 101 -8.10 -14.83 -20.38
N GLU A 102 -7.58 -15.87 -21.04
CA GLU A 102 -6.12 -16.04 -21.23
C GLU A 102 -5.64 -14.84 -22.05
N ALA A 103 -6.21 -14.66 -23.25
CA ALA A 103 -5.88 -13.59 -24.21
C ALA A 103 -5.83 -12.24 -23.48
N LEU A 104 -6.77 -11.94 -22.59
CA LEU A 104 -6.79 -10.63 -21.88
C LEU A 104 -5.43 -10.43 -21.21
N PHE A 105 -5.03 -11.34 -20.33
CA PHE A 105 -3.84 -11.19 -19.46
C PHE A 105 -2.54 -11.40 -20.27
N ARG A 106 -2.52 -12.31 -21.24
CA ARG A 106 -1.37 -12.47 -22.16
C ARG A 106 -1.14 -11.13 -22.89
N ALA A 107 -2.16 -10.63 -23.59
CA ALA A 107 -2.10 -9.36 -24.35
C ALA A 107 -1.57 -8.25 -23.42
N PHE A 108 -2.13 -8.12 -22.23
CA PHE A 108 -1.68 -7.08 -21.26
C PHE A 108 -0.19 -7.28 -20.98
N GLY A 109 0.21 -8.50 -20.61
CA GLY A 109 1.60 -8.85 -20.29
C GLY A 109 2.54 -8.52 -21.43
N ARG A 110 2.08 -8.68 -22.66
CA ARG A 110 2.86 -8.27 -23.87
C ARG A 110 3.10 -6.76 -23.85
N TYR A 111 2.08 -5.97 -23.53
CA TYR A 111 2.19 -4.48 -23.42
C TYR A 111 3.06 -4.10 -22.22
N VAL A 112 3.21 -4.98 -21.22
CA VAL A 112 4.13 -4.78 -20.06
C VAL A 112 5.57 -5.03 -20.52
N GLN A 113 5.74 -6.05 -21.37
CA GLN A 113 7.02 -6.40 -22.04
C GLN A 113 7.43 -5.28 -23.01
N SER A 114 6.46 -4.53 -23.55
CA SER A 114 6.70 -3.44 -24.54
C SER A 114 7.50 -2.31 -23.89
N LEU A 115 7.31 -2.11 -22.57
CA LEU A 115 7.94 -1.00 -21.78
C LEU A 115 9.30 -1.46 -21.22
N ASN A 116 9.71 -2.69 -21.51
CA ASN A 116 11.08 -3.20 -21.29
C ASN A 116 11.50 -2.95 -19.84
N GLY A 117 10.59 -3.20 -18.89
CA GLY A 117 10.92 -3.24 -17.45
C GLY A 117 10.91 -1.88 -16.80
N ARG A 118 10.22 -0.91 -17.40
CA ARG A 118 9.88 0.39 -16.75
C ARG A 118 8.67 0.17 -15.82
N TYR A 119 7.76 -0.73 -16.21
CA TYR A 119 6.66 -1.23 -15.36
C TYR A 119 6.94 -2.70 -14.99
N ILE A 120 6.84 -3.00 -13.69
CA ILE A 120 6.74 -4.37 -13.08
C ILE A 120 5.35 -4.47 -12.44
N THR A 121 4.54 -5.44 -12.86
CA THR A 121 3.16 -5.63 -12.35
C THR A 121 3.14 -6.70 -11.24
N ALA A 122 2.03 -6.81 -10.54
CA ALA A 122 1.77 -7.81 -9.49
C ALA A 122 0.24 -7.87 -9.25
N GLU A 123 -0.24 -8.82 -8.46
CA GLU A 123 -1.70 -8.94 -8.16
C GLU A 123 -2.10 -7.74 -7.30
N ASP A 124 -3.29 -7.19 -7.56
CA ASP A 124 -3.94 -6.14 -6.74
C ASP A 124 -5.42 -6.53 -6.66
N VAL A 125 -6.33 -5.58 -6.90
CA VAL A 125 -7.81 -5.73 -6.75
C VAL A 125 -8.37 -6.41 -8.01
N ASN A 126 -9.08 -7.53 -7.82
CA ASN A 126 -9.79 -8.32 -8.87
C ASN A 126 -8.78 -9.02 -9.78
N THR A 127 -7.55 -9.21 -9.31
CA THR A 127 -6.48 -9.96 -10.03
C THR A 127 -5.80 -10.90 -9.03
N THR A 128 -5.31 -12.03 -9.55
CA THR A 128 -4.97 -13.27 -8.80
C THR A 128 -3.67 -13.85 -9.37
N VAL A 129 -2.94 -14.62 -8.57
CA VAL A 129 -1.70 -15.33 -9.02
C VAL A 129 -1.97 -16.04 -10.35
N ALA A 130 -3.20 -16.56 -10.54
CA ALA A 130 -3.63 -17.24 -11.78
C ALA A 130 -3.57 -16.26 -12.96
N ASP A 131 -4.00 -15.01 -12.75
CA ASP A 131 -3.98 -13.92 -13.76
C ASP A 131 -2.52 -13.55 -14.07
N MET A 132 -1.71 -13.41 -13.01
CA MET A 132 -0.29 -13.01 -13.12
C MET A 132 0.48 -14.10 -13.87
N ASP A 133 0.04 -15.36 -13.80
CA ASP A 133 0.72 -16.51 -14.45
C ASP A 133 0.46 -16.46 -15.95
N TYR A 134 -0.66 -15.87 -16.38
CA TYR A 134 -0.92 -15.57 -17.81
C TYR A 134 0.00 -14.42 -18.24
N ILE A 135 0.07 -13.34 -17.45
CA ILE A 135 1.00 -12.21 -17.73
C ILE A 135 2.42 -12.80 -17.87
N HIS A 136 2.84 -13.66 -16.94
CA HIS A 136 4.20 -14.28 -16.88
C HIS A 136 4.51 -15.02 -18.17
N MET A 137 3.51 -15.48 -18.90
CA MET A 137 3.71 -16.23 -20.17
C MET A 137 4.40 -15.32 -21.20
N GLU A 138 4.28 -14.00 -21.05
CA GLU A 138 4.70 -12.98 -22.06
C GLU A 138 5.87 -12.12 -21.55
N THR A 139 6.03 -11.97 -20.23
CA THR A 139 6.98 -11.02 -19.60
C THR A 139 7.51 -11.60 -18.29
N ASP A 140 8.75 -11.25 -17.92
CA ASP A 140 9.34 -11.51 -16.57
C ASP A 140 9.14 -10.28 -15.69
N PHE A 141 8.50 -9.21 -16.17
CA PHE A 141 8.28 -7.95 -15.40
C PHE A 141 6.94 -8.06 -14.66
N VAL A 142 6.80 -9.15 -13.91
CA VAL A 142 5.65 -9.52 -13.04
C VAL A 142 6.19 -10.21 -11.80
N THR A 143 5.56 -9.99 -10.65
CA THR A 143 6.03 -10.52 -9.35
C THR A 143 4.84 -11.09 -8.58
N GLY A 144 5.14 -11.95 -7.60
CA GLY A 144 4.18 -12.78 -6.85
C GLY A 144 3.75 -14.02 -7.64
N VAL A 145 4.67 -14.66 -8.38
CA VAL A 145 4.35 -15.77 -9.34
C VAL A 145 5.33 -16.95 -9.23
N SER A 146 6.44 -16.84 -8.49
CA SER A 146 7.52 -17.87 -8.45
C SER A 146 7.10 -19.03 -7.55
N PRO A 147 7.76 -20.21 -7.65
CA PRO A 147 7.49 -21.32 -6.74
C PRO A 147 7.78 -20.95 -5.27
N ALA A 148 8.85 -20.18 -5.02
CA ALA A 148 9.32 -19.74 -3.68
C ALA A 148 8.26 -18.84 -3.02
N PHE A 149 7.69 -17.89 -3.78
CA PHE A 149 6.59 -17.00 -3.33
C PHE A 149 5.29 -17.81 -3.23
N GLY A 150 5.12 -18.81 -4.11
CA GLY A 150 3.98 -19.76 -4.08
C GLY A 150 3.96 -20.60 -2.81
N SER A 151 5.10 -21.18 -2.43
CA SER A 151 5.26 -22.12 -1.29
C SER A 151 5.02 -21.42 0.04
N SER A 152 5.90 -20.48 0.42
CA SER A 152 5.94 -19.86 1.77
C SER A 152 5.93 -18.34 1.65
N GLY A 153 5.09 -17.81 0.75
CA GLY A 153 5.03 -16.36 0.43
C GLY A 153 3.63 -15.76 0.61
N ASN A 154 2.79 -16.39 1.43
CA ASN A 154 1.35 -16.00 1.62
C ASN A 154 1.29 -14.65 2.34
N PRO A 155 0.88 -13.58 1.63
CA PRO A 155 1.31 -12.21 1.94
C PRO A 155 0.72 -11.54 3.20
N SER A 156 -0.51 -11.90 3.59
CA SER A 156 -1.34 -11.17 4.58
C SER A 156 -0.55 -10.94 5.88
N PRO A 157 0.08 -11.98 6.47
CA PRO A 157 0.76 -11.83 7.77
C PRO A 157 1.94 -10.84 7.77
N VAL A 158 2.47 -10.55 6.57
CA VAL A 158 3.66 -9.68 6.33
C VAL A 158 3.23 -8.21 6.29
N THR A 159 2.16 -7.88 5.55
CA THR A 159 1.47 -6.55 5.62
C THR A 159 1.14 -6.25 7.09
N ALA A 160 0.57 -7.25 7.78
CA ALA A 160 0.11 -7.19 9.19
C ALA A 160 1.28 -6.83 10.10
N TYR A 161 2.40 -7.54 9.96
CA TYR A 161 3.64 -7.33 10.76
C TYR A 161 4.11 -5.89 10.56
N GLY A 162 4.11 -5.44 9.30
CA GLY A 162 4.39 -4.03 8.94
C GLY A 162 3.58 -3.08 9.81
N VAL A 163 2.26 -3.26 9.81
CA VAL A 163 1.27 -2.38 10.52
C VAL A 163 1.55 -2.47 12.02
N TYR A 164 1.75 -3.69 12.52
CA TYR A 164 2.03 -4.00 13.94
C TYR A 164 3.27 -3.22 14.39
N ARG A 165 4.36 -3.37 13.64
CA ARG A 165 5.67 -2.73 13.91
C ARG A 165 5.52 -1.20 13.89
N GLY A 166 4.75 -0.68 12.93
CA GLY A 166 4.52 0.77 12.77
C GLY A 166 3.73 1.37 13.93
N MET A 167 2.76 0.61 14.45
CA MET A 167 1.89 1.00 15.60
C MET A 167 2.75 1.09 16.87
N LYS A 168 3.49 0.02 17.17
CA LYS A 168 4.58 -0.03 18.19
C LYS A 168 5.37 1.29 18.19
N ALA A 169 5.83 1.72 17.01
CA ALA A 169 6.69 2.92 16.82
C ALA A 169 5.92 4.18 17.25
N ALA A 170 4.66 4.29 16.85
CA ALA A 170 3.78 5.44 17.16
C ALA A 170 3.55 5.50 18.67
N ALA A 171 3.29 4.34 19.29
CA ALA A 171 3.04 4.18 20.74
C ALA A 171 4.25 4.72 21.53
N LYS A 172 5.46 4.33 21.13
CA LYS A 172 6.74 4.80 21.74
C LYS A 172 6.71 6.34 21.87
N GLU A 173 6.23 7.03 20.83
CA GLU A 173 6.27 8.52 20.74
C GLU A 173 5.30 9.13 21.77
N VAL A 174 4.03 8.73 21.74
CA VAL A 174 2.94 9.37 22.55
C VAL A 174 2.98 8.86 24.00
N TYR A 175 3.17 7.55 24.20
CA TYR A 175 3.02 6.88 25.53
C TYR A 175 4.39 6.79 26.25
N GLY A 176 5.50 6.98 25.52
CA GLY A 176 6.87 6.92 26.06
C GLY A 176 7.43 5.50 26.08
N THR A 177 6.61 4.50 25.74
CA THR A 177 6.95 3.06 25.75
C THR A 177 6.28 2.38 24.54
N ASP A 178 7.01 1.53 23.83
CA ASP A 178 6.47 0.82 22.63
C ASP A 178 5.74 -0.44 23.07
N SER A 179 5.42 -0.60 24.35
CA SER A 179 4.59 -1.74 24.84
C SER A 179 3.13 -1.45 24.56
N LEU A 180 2.44 -2.37 23.87
CA LEU A 180 0.97 -2.35 23.63
C LEU A 180 0.29 -3.24 24.66
N GLY A 181 0.95 -3.49 25.80
CA GLY A 181 0.37 -4.18 26.96
C GLY A 181 -0.76 -3.37 27.56
N GLY A 182 -1.95 -3.97 27.68
CA GLY A 182 -3.16 -3.35 28.26
C GLY A 182 -3.55 -2.07 27.56
N LYS A 183 -3.36 -2.00 26.24
CA LYS A 183 -3.90 -0.93 25.37
C LYS A 183 -5.17 -1.46 24.71
N THR A 184 -6.10 -0.55 24.40
CA THR A 184 -7.36 -0.86 23.67
C THR A 184 -7.18 -0.35 22.24
N VAL A 185 -7.36 -1.23 21.26
CA VAL A 185 -7.24 -0.90 19.81
C VAL A 185 -8.60 -1.14 19.15
N ALA A 186 -9.21 -0.07 18.63
CA ALA A 186 -10.41 -0.12 17.76
C ALA A 186 -9.95 -0.53 16.36
N ILE A 187 -10.48 -1.64 15.83
CA ILE A 187 -10.03 -2.27 14.57
C ILE A 187 -11.20 -2.32 13.59
N GLN A 188 -11.21 -1.41 12.61
CA GLN A 188 -12.20 -1.41 11.52
C GLN A 188 -11.79 -2.49 10.52
N GLY A 189 -12.62 -3.51 10.31
CA GLY A 189 -12.36 -4.61 9.37
C GLY A 189 -11.57 -5.75 10.00
N VAL A 190 -11.93 -6.99 9.68
CA VAL A 190 -11.27 -8.23 10.16
C VAL A 190 -11.00 -9.17 8.97
N GLY A 191 -10.57 -8.61 7.82
CA GLY A 191 -10.05 -9.39 6.69
C GLY A 191 -8.81 -10.17 7.10
N ASN A 192 -8.12 -10.81 6.15
CA ASN A 192 -6.90 -11.61 6.43
C ASN A 192 -5.87 -10.75 7.17
N VAL A 193 -5.45 -9.62 6.58
CA VAL A 193 -4.36 -8.74 7.12
C VAL A 193 -4.70 -8.32 8.56
N ALA A 194 -5.93 -7.85 8.78
CA ALA A 194 -6.43 -7.39 10.10
C ALA A 194 -6.35 -8.55 11.11
N PHE A 195 -6.92 -9.70 10.76
CA PHE A 195 -6.95 -10.93 11.60
C PHE A 195 -5.56 -11.20 12.18
N ASN A 196 -4.51 -11.04 11.36
CA ASN A 196 -3.09 -11.31 11.71
C ASN A 196 -2.54 -10.18 12.59
N LEU A 197 -2.98 -8.94 12.39
CA LEU A 197 -2.60 -7.78 13.25
C LEU A 197 -3.18 -8.01 14.65
N CYS A 198 -4.43 -8.48 14.71
CA CYS A 198 -5.15 -8.86 15.95
C CYS A 198 -4.32 -9.88 16.74
N ARG A 199 -3.70 -10.86 16.05
CA ARG A 199 -2.92 -11.95 16.69
C ARG A 199 -1.70 -11.37 17.42
N HIS A 200 -0.90 -10.55 16.76
CA HIS A 200 0.28 -9.87 17.38
C HIS A 200 -0.19 -9.04 18.58
N LEU A 201 -1.36 -8.39 18.45
CA LEU A 201 -1.93 -7.46 19.45
C LEU A 201 -2.47 -8.23 20.66
N HIS A 202 -3.15 -9.36 20.45
CA HIS A 202 -3.66 -10.22 21.55
C HIS A 202 -2.47 -10.80 22.32
N GLU A 203 -1.46 -11.31 21.61
CA GLU A 203 -0.26 -11.96 22.20
C GLU A 203 0.52 -10.97 23.06
N GLU A 204 0.45 -9.67 22.77
CA GLU A 204 1.11 -8.61 23.58
C GLU A 204 0.22 -8.20 24.76
N GLY A 205 -0.99 -8.78 24.87
CA GLY A 205 -1.97 -8.48 25.93
C GLY A 205 -2.65 -7.13 25.70
N ALA A 206 -3.36 -6.97 24.58
CA ALA A 206 -4.10 -5.75 24.20
C ALA A 206 -5.58 -6.08 24.01
N LYS A 207 -6.45 -5.11 24.34
CA LYS A 207 -7.93 -5.28 24.26
C LYS A 207 -8.37 -4.80 22.88
N LEU A 208 -9.20 -5.60 22.22
CA LEU A 208 -9.60 -5.45 20.81
C LEU A 208 -11.11 -5.20 20.71
N ILE A 209 -11.49 -4.02 20.24
CA ILE A 209 -12.86 -3.73 19.72
C ILE A 209 -12.77 -3.79 18.19
N VAL A 210 -13.69 -4.51 17.54
CA VAL A 210 -13.63 -4.79 16.08
C VAL A 210 -15.02 -4.59 15.47
N THR A 211 -15.06 -4.37 14.15
CA THR A 211 -16.28 -4.41 13.30
C THR A 211 -15.89 -5.03 11.95
N ASP A 212 -16.87 -5.54 11.22
CA ASP A 212 -16.74 -6.01 9.82
C ASP A 212 -18.14 -6.06 9.21
N ILE A 213 -18.22 -5.98 7.89
CA ILE A 213 -19.49 -6.10 7.12
C ILE A 213 -19.89 -7.58 7.09
N ASN A 214 -19.00 -8.49 7.52
CA ASN A 214 -19.17 -9.97 7.44
C ASN A 214 -19.25 -10.59 8.83
N GLN A 215 -20.25 -11.46 9.05
CA GLN A 215 -20.64 -12.03 10.38
C GLN A 215 -19.71 -13.18 10.75
N ASP A 216 -19.48 -14.10 9.81
CA ASP A 216 -18.59 -15.28 10.00
C ASP A 216 -17.20 -14.77 10.42
N ALA A 217 -16.72 -13.71 9.76
CA ALA A 217 -15.44 -13.00 10.02
C ALA A 217 -15.40 -12.52 11.48
N LEU A 218 -16.48 -11.87 11.93
CA LEU A 218 -16.62 -11.29 13.29
C LEU A 218 -16.48 -12.38 14.34
N ARG A 219 -17.20 -13.49 14.17
CA ARG A 219 -17.31 -14.57 15.19
C ARG A 219 -15.95 -15.31 15.29
N ARG A 220 -15.29 -15.58 14.16
CA ARG A 220 -13.89 -16.10 14.12
C ARG A 220 -12.99 -15.26 15.02
N ALA A 221 -13.17 -13.92 14.96
CA ALA A 221 -12.36 -12.92 15.69
C ALA A 221 -12.62 -13.04 17.19
N GLU A 222 -13.87 -12.86 17.62
CA GLU A 222 -14.23 -12.86 19.07
C GLU A 222 -13.90 -14.24 19.65
N GLU A 223 -14.13 -15.32 18.89
CA GLU A 223 -13.75 -16.71 19.28
C GLU A 223 -12.27 -16.80 19.64
N ALA A 224 -11.37 -16.27 18.79
CA ALA A 224 -9.91 -16.51 18.84
C ALA A 224 -9.18 -15.52 19.76
N PHE A 225 -9.59 -14.24 19.78
CA PHE A 225 -8.90 -13.16 20.54
C PHE A 225 -9.81 -12.67 21.68
N GLY A 226 -11.10 -13.02 21.66
CA GLY A 226 -12.10 -12.60 22.66
C GLY A 226 -12.46 -11.13 22.48
N ALA A 227 -12.41 -10.62 21.25
CA ALA A 227 -12.62 -9.20 20.91
C ALA A 227 -14.10 -8.82 21.10
N LEU A 228 -14.36 -7.65 21.70
CA LEU A 228 -15.71 -7.06 21.82
C LEU A 228 -16.17 -6.60 20.43
N VAL A 229 -17.25 -7.18 19.89
CA VAL A 229 -17.87 -6.75 18.60
C VAL A 229 -18.63 -5.44 18.84
N VAL A 230 -18.76 -4.64 17.77
CA VAL A 230 -19.39 -3.29 17.77
C VAL A 230 -19.87 -2.98 16.35
N GLY A 231 -20.90 -2.13 16.24
CA GLY A 231 -21.54 -1.78 14.96
C GLY A 231 -20.62 -0.96 14.06
N PRO A 232 -20.57 -1.27 12.74
CA PRO A 232 -19.78 -0.49 11.78
C PRO A 232 -19.72 1.03 12.02
N ASP A 233 -20.81 1.67 12.46
CA ASP A 233 -20.92 3.14 12.61
C ASP A 233 -20.38 3.60 13.97
N GLU A 234 -20.23 2.65 14.91
CA GLU A 234 -19.87 2.94 16.32
C GLU A 234 -18.35 3.05 16.49
N ILE A 235 -17.58 2.32 15.66
CA ILE A 235 -16.11 2.04 15.77
C ILE A 235 -15.29 3.32 16.03
N TYR A 236 -15.66 4.47 15.45
CA TYR A 236 -14.93 5.76 15.55
C TYR A 236 -15.12 6.40 16.93
N SER A 237 -16.33 6.26 17.49
CA SER A 237 -16.81 6.87 18.77
C SER A 237 -16.35 6.06 19.98
N VAL A 238 -16.11 4.76 19.77
CA VAL A 238 -15.66 3.76 20.81
C VAL A 238 -14.51 4.34 21.64
N ASP A 239 -14.36 3.84 22.86
CA ASP A 239 -13.35 4.31 23.85
C ASP A 239 -12.13 3.40 23.80
N ALA A 240 -11.11 3.83 23.06
CA ALA A 240 -9.86 3.08 22.78
C ALA A 240 -8.69 4.06 22.60
N ASP A 241 -7.46 3.52 22.65
CA ASP A 241 -6.19 4.28 22.60
C ASP A 241 -5.75 4.45 21.13
N ILE A 242 -5.97 3.43 20.31
CA ILE A 242 -5.48 3.31 18.91
C ILE A 242 -6.62 2.90 17.98
N PHE A 243 -6.85 3.66 16.90
CA PHE A 243 -7.77 3.28 15.79
C PHE A 243 -6.95 2.68 14.64
N ALA A 244 -7.38 1.54 14.11
CA ALA A 244 -6.65 0.75 13.10
C ALA A 244 -7.55 0.47 11.89
N PRO A 245 -7.77 1.47 11.00
CA PRO A 245 -8.61 1.25 9.81
C PRO A 245 -7.96 0.24 8.86
N CYS A 246 -8.60 -0.93 8.69
CA CYS A 246 -8.08 -2.07 7.89
C CYS A 246 -9.08 -2.51 6.82
N ALA A 247 -10.27 -1.89 6.77
CA ALA A 247 -11.28 -2.15 5.72
C ALA A 247 -11.02 -1.19 4.55
N LEU A 248 -11.77 -0.11 4.49
CA LEU A 248 -11.84 0.79 3.31
C LEU A 248 -11.03 2.04 3.58
N GLY A 249 -10.77 2.80 2.51
CA GLY A 249 -10.13 4.12 2.55
C GLY A 249 -11.17 5.20 2.73
N ALA A 250 -10.72 6.45 2.84
CA ALA A 250 -11.53 7.67 3.12
C ALA A 250 -12.34 7.49 4.41
N THR A 251 -11.89 6.61 5.33
CA THR A 251 -12.56 6.34 6.63
C THR A 251 -12.21 7.44 7.63
N LEU A 252 -11.13 8.20 7.41
CA LEU A 252 -10.77 9.40 8.20
C LEU A 252 -11.25 10.65 7.45
N ASN A 253 -12.37 11.23 7.87
CA ASN A 253 -13.10 12.28 7.10
C ASN A 253 -13.84 13.23 8.05
N ASP A 254 -14.54 14.21 7.45
CA ASP A 254 -15.33 15.25 8.15
C ASP A 254 -16.13 14.61 9.30
N GLU A 255 -16.75 13.46 9.00
CA GLU A 255 -17.78 12.81 9.84
C GLU A 255 -17.14 12.00 10.97
N THR A 256 -16.09 11.23 10.70
CA THR A 256 -15.53 10.22 11.65
C THR A 256 -14.55 10.86 12.63
N ILE A 257 -13.76 11.83 12.18
CA ILE A 257 -12.53 12.29 12.92
C ILE A 257 -12.93 12.98 14.23
N PRO A 258 -13.96 13.87 14.27
CA PRO A 258 -14.42 14.44 15.55
C PRO A 258 -14.86 13.40 16.59
N GLN A 259 -15.31 12.20 16.17
CA GLN A 259 -15.74 11.10 17.07
C GLN A 259 -14.53 10.52 17.82
N LEU A 260 -13.40 10.37 17.14
CA LEU A 260 -12.21 9.60 17.61
C LEU A 260 -11.84 9.97 19.04
N LYS A 261 -11.75 8.98 19.93
CA LYS A 261 -11.27 9.15 21.33
C LYS A 261 -9.84 8.64 21.45
N VAL A 262 -9.24 8.20 20.34
CA VAL A 262 -7.89 7.57 20.28
C VAL A 262 -6.82 8.66 20.18
N LYS A 263 -5.55 8.28 20.44
CA LYS A 263 -4.35 9.16 20.39
C LYS A 263 -3.48 8.82 19.18
N ILE A 264 -3.77 7.68 18.52
CA ILE A 264 -2.98 7.11 17.38
C ILE A 264 -3.95 6.50 16.37
N ILE A 265 -3.70 6.72 15.07
CA ILE A 265 -4.24 5.92 13.93
C ILE A 265 -3.10 5.11 13.33
N ALA A 266 -3.33 3.83 13.09
CA ALA A 266 -2.31 2.83 12.71
C ALA A 266 -3.02 1.61 12.14
N GLY A 267 -3.37 1.65 10.86
CA GLY A 267 -4.15 0.60 10.18
C GLY A 267 -3.54 0.20 8.84
N ALA A 268 -4.16 -0.77 8.17
CA ALA A 268 -3.59 -1.47 6.98
C ALA A 268 -4.21 -0.95 5.69
N ALA A 269 -5.31 -0.18 5.76
CA ALA A 269 -6.04 0.32 4.59
C ALA A 269 -5.17 1.32 3.80
N ASN A 270 -5.21 1.25 2.47
CA ASN A 270 -4.62 2.29 1.57
C ASN A 270 -5.55 3.50 1.56
N ASN A 271 -4.98 4.70 1.59
CA ASN A 271 -5.69 6.00 1.43
C ASN A 271 -6.74 6.17 2.52
N GLN A 272 -6.30 6.05 3.78
CA GLN A 272 -7.13 6.27 5.01
C GLN A 272 -7.74 7.68 4.92
N LEU A 273 -6.96 8.70 4.55
CA LEU A 273 -7.42 10.11 4.40
C LEU A 273 -8.34 10.21 3.19
N LYS A 274 -9.52 10.81 3.36
CA LYS A 274 -10.45 11.12 2.24
C LYS A 274 -9.87 12.31 1.48
N GLU A 275 -9.36 13.31 2.21
CA GLU A 275 -8.68 14.51 1.66
C GLU A 275 -7.52 14.86 2.60
N ASP A 276 -6.60 15.72 2.17
CA ASP A 276 -5.37 16.06 2.92
C ASP A 276 -5.71 16.88 4.16
N ARG A 277 -6.74 17.74 4.07
CA ARG A 277 -7.33 18.47 5.23
C ARG A 277 -7.47 17.52 6.42
N HIS A 278 -7.98 16.31 6.18
CA HIS A 278 -8.28 15.29 7.22
C HIS A 278 -6.97 14.88 7.90
N GLY A 279 -5.87 14.91 7.16
CA GLY A 279 -4.52 14.81 7.74
C GLY A 279 -4.31 15.93 8.75
N ASP A 280 -4.53 17.18 8.34
CA ASP A 280 -4.27 18.38 9.15
C ASP A 280 -5.27 18.45 10.33
N MET A 281 -6.49 17.94 10.17
CA MET A 281 -7.49 17.87 11.27
C MET A 281 -6.95 16.99 12.40
N LEU A 282 -6.73 15.70 12.12
CA LEU A 282 -6.09 14.75 13.06
C LEU A 282 -4.94 15.46 13.76
N GLN A 283 -4.20 16.31 13.04
CA GLN A 283 -3.12 17.16 13.63
C GLN A 283 -3.73 18.04 14.72
N GLU A 284 -4.55 19.02 14.33
CA GLU A 284 -5.21 20.01 15.24
C GLU A 284 -5.86 19.28 16.42
N ARG A 285 -6.50 18.13 16.18
CA ARG A 285 -7.17 17.32 17.24
C ARG A 285 -6.15 16.60 18.12
N GLY A 286 -4.85 16.75 17.86
CA GLY A 286 -3.77 16.17 18.69
C GLY A 286 -3.72 14.64 18.61
N ILE A 287 -4.09 14.06 17.48
CA ILE A 287 -4.05 12.59 17.22
C ILE A 287 -2.92 12.31 16.22
N LEU A 288 -2.02 11.39 16.57
CA LEU A 288 -0.85 11.01 15.73
C LEU A 288 -1.32 10.09 14.60
N TYR A 289 -1.45 10.63 13.39
CA TYR A 289 -1.81 9.85 12.17
C TYR A 289 -0.56 9.22 11.56
N THR A 290 -0.37 7.91 11.75
CA THR A 290 0.74 7.13 11.16
C THR A 290 0.34 6.78 9.72
N PRO A 291 0.97 7.43 8.71
CA PRO A 291 0.40 7.47 7.36
C PRO A 291 0.29 6.08 6.72
N ASP A 292 -0.77 5.89 5.92
CA ASP A 292 -1.10 4.63 5.20
C ASP A 292 0.19 4.05 4.60
N PHE A 293 0.75 4.74 3.59
CA PHE A 293 1.73 4.23 2.60
C PHE A 293 3.08 3.93 3.27
N VAL A 294 3.30 4.43 4.48
CA VAL A 294 4.48 4.04 5.30
C VAL A 294 4.19 2.70 5.98
N ILE A 295 3.09 2.62 6.74
CA ILE A 295 2.80 1.52 7.71
C ILE A 295 2.43 0.23 6.97
N ASN A 296 1.72 0.31 5.84
CA ASN A 296 1.17 -0.88 5.14
C ASN A 296 2.09 -1.30 3.99
N ALA A 297 3.31 -0.75 3.96
CA ALA A 297 4.31 -0.95 2.89
C ALA A 297 4.69 -2.43 2.81
N GLY A 298 4.60 -3.14 3.94
CA GLY A 298 4.92 -4.58 4.07
C GLY A 298 4.48 -5.39 2.85
N GLY A 299 3.32 -5.07 2.27
CA GLY A 299 2.73 -5.75 1.11
C GLY A 299 3.62 -5.67 -0.11
N VAL A 300 4.11 -4.46 -0.43
CA VAL A 300 4.94 -4.17 -1.64
C VAL A 300 6.37 -4.64 -1.38
N ILE A 301 6.89 -4.42 -0.18
CA ILE A 301 8.24 -4.93 0.25
C ILE A 301 8.33 -6.44 -0.01
N ASN A 302 7.24 -7.18 0.24
CA ASN A 302 7.14 -8.66 0.11
C ASN A 302 7.36 -9.07 -1.35
N VAL A 303 6.66 -8.45 -2.30
CA VAL A 303 6.77 -8.80 -3.76
C VAL A 303 8.12 -8.29 -4.29
N ALA A 304 8.52 -7.08 -3.90
CA ALA A 304 9.83 -6.48 -4.25
C ALA A 304 10.94 -7.49 -3.93
N ASP A 305 10.80 -8.25 -2.84
CA ASP A 305 11.83 -9.21 -2.36
C ASP A 305 12.02 -10.34 -3.37
N GLU A 306 10.96 -10.76 -4.06
CA GLU A 306 11.00 -11.84 -5.08
C GLU A 306 11.98 -11.48 -6.20
N LEU A 307 12.03 -10.20 -6.59
CA LEU A 307 12.90 -9.68 -7.68
C LEU A 307 14.36 -10.10 -7.44
N ASP A 308 14.72 -10.37 -6.18
CA ASP A 308 16.10 -10.75 -5.75
C ASP A 308 16.13 -12.22 -5.30
N GLY A 309 15.21 -13.06 -5.78
CA GLY A 309 15.00 -14.45 -5.31
C GLY A 309 14.35 -14.50 -3.93
N TYR A 310 13.09 -14.91 -3.84
CA TYR A 310 12.23 -14.65 -2.65
C TYR A 310 12.72 -15.44 -1.43
N ASN A 311 12.73 -14.76 -0.28
CA ASN A 311 13.14 -15.27 1.05
C ASN A 311 12.30 -14.55 2.10
N ARG A 312 11.36 -15.26 2.72
CA ARG A 312 10.39 -14.68 3.68
C ARG A 312 11.13 -14.12 4.89
N GLU A 313 12.13 -14.84 5.41
CA GLU A 313 12.94 -14.37 6.58
C GLU A 313 13.50 -12.97 6.27
N ARG A 314 14.04 -12.77 5.06
CA ARG A 314 14.70 -11.49 4.66
C ARG A 314 13.62 -10.42 4.53
N ALA A 315 12.47 -10.80 3.95
CA ALA A 315 11.28 -9.94 3.79
C ALA A 315 10.83 -9.45 5.17
N MET A 316 10.63 -10.37 6.11
CA MET A 316 10.15 -10.05 7.49
C MET A 316 11.17 -9.14 8.20
N LYS A 317 12.47 -9.45 8.09
CA LYS A 317 13.55 -8.67 8.74
C LYS A 317 13.59 -7.25 8.14
N LYS A 318 13.18 -7.10 6.87
CA LYS A 318 13.14 -5.80 6.17
C LYS A 318 11.89 -5.02 6.57
N VAL A 319 10.78 -5.73 6.83
CA VAL A 319 9.46 -5.14 7.23
C VAL A 319 9.51 -4.77 8.72
N GLU A 320 10.15 -5.60 9.54
CA GLU A 320 10.49 -5.29 10.96
C GLU A 320 10.86 -3.80 11.09
N LEU A 321 11.51 -3.25 10.06
CA LEU A 321 12.11 -1.89 10.05
C LEU A 321 11.06 -0.82 9.72
N VAL A 322 9.79 -1.19 9.50
CA VAL A 322 8.70 -0.19 9.34
C VAL A 322 8.69 0.71 10.58
N TYR A 323 8.95 0.14 11.76
CA TYR A 323 9.13 0.87 13.05
C TYR A 323 10.04 2.09 12.81
N ASP A 324 11.27 1.83 12.36
CA ASP A 324 12.34 2.85 12.16
C ASP A 324 11.84 3.92 11.17
N ALA A 325 11.14 3.50 10.12
CA ALA A 325 10.55 4.37 9.07
C ALA A 325 9.48 5.29 9.66
N VAL A 326 8.59 4.75 10.49
CA VAL A 326 7.53 5.55 11.20
C VAL A 326 8.21 6.57 12.10
N ALA A 327 9.10 6.10 12.98
CA ALA A 327 9.90 6.91 13.93
C ALA A 327 10.59 8.08 13.21
N LYS A 328 11.03 7.87 11.96
CA LYS A 328 11.69 8.93 11.14
C LYS A 328 10.65 9.97 10.71
N VAL A 329 9.44 9.54 10.35
CA VAL A 329 8.33 10.44 9.91
C VAL A 329 7.95 11.35 11.07
N ILE A 330 7.88 10.80 12.29
CA ILE A 330 7.61 11.53 13.56
C ILE A 330 8.71 12.58 13.77
N GLU A 331 9.98 12.14 13.79
CA GLU A 331 11.17 13.02 13.92
C GLU A 331 11.07 14.19 12.94
N ILE A 332 10.69 13.91 11.69
CA ILE A 332 10.62 14.91 10.57
C ILE A 332 9.45 15.87 10.82
N ALA A 333 8.34 15.39 11.39
CA ALA A 333 7.14 16.21 11.70
C ALA A 333 7.51 17.27 12.76
N LYS A 334 8.17 16.83 13.83
CA LYS A 334 8.69 17.70 14.93
C LYS A 334 9.71 18.69 14.38
N ARG A 335 10.74 18.19 13.69
CA ARG A 335 11.94 18.94 13.21
C ARG A 335 11.51 20.01 12.19
N ASP A 336 10.67 19.67 11.21
CA ASP A 336 10.21 20.61 10.14
C ASP A 336 8.87 21.25 10.52
N HIS A 337 8.37 21.01 11.74
CA HIS A 337 7.06 21.48 12.26
C HIS A 337 5.97 21.20 11.21
N LEU A 338 5.78 19.94 10.83
CA LEU A 338 4.85 19.50 9.75
C LEU A 338 3.90 18.44 10.30
N PRO A 339 2.69 18.28 9.70
CA PRO A 339 1.79 17.20 10.08
C PRO A 339 2.30 15.85 9.51
N THR A 340 2.19 14.78 10.30
CA THR A 340 2.72 13.41 9.99
C THR A 340 2.69 13.10 8.50
N TYR A 341 1.53 13.23 7.85
CA TYR A 341 1.34 12.78 6.45
C TYR A 341 2.27 13.59 5.53
N ARG A 342 2.42 14.89 5.79
CA ARG A 342 3.28 15.80 4.99
C ARG A 342 4.76 15.50 5.27
N ALA A 343 5.08 15.07 6.49
CA ALA A 343 6.44 14.60 6.88
C ALA A 343 6.80 13.32 6.11
N ALA A 344 5.83 12.41 5.94
CA ALA A 344 6.01 11.14 5.20
C ALA A 344 6.24 11.44 3.72
N GLU A 345 5.46 12.36 3.15
CA GLU A 345 5.63 12.81 1.74
C GLU A 345 7.04 13.40 1.59
N LYS A 346 7.42 14.34 2.44
CA LYS A 346 8.79 14.94 2.50
C LYS A 346 9.84 13.82 2.51
N MET A 347 9.86 12.97 3.54
CA MET A 347 10.79 11.83 3.71
C MET A 347 10.99 11.08 2.38
N ALA A 348 9.90 10.78 1.67
CA ALA A 348 9.92 10.08 0.36
C ALA A 348 10.58 10.97 -0.71
N GLU A 349 10.22 12.26 -0.79
CA GLU A 349 10.75 13.24 -1.78
C GLU A 349 12.23 13.55 -1.48
N GLU A 350 12.60 13.65 -0.20
CA GLU A 350 14.01 13.81 0.28
C GLU A 350 14.82 12.63 -0.27
N ARG A 351 14.38 11.39 -0.03
CA ARG A 351 15.11 10.17 -0.48
C ARG A 351 15.27 10.17 -2.01
N ILE A 352 14.18 10.36 -2.76
CA ILE A 352 14.22 10.40 -4.26
C ILE A 352 15.32 11.38 -4.68
N ALA A 353 15.24 12.63 -4.23
CA ALA A 353 16.19 13.73 -4.55
C ALA A 353 17.63 13.32 -4.21
N THR A 354 17.83 12.83 -2.99
CA THR A 354 19.15 12.40 -2.44
C THR A 354 19.81 11.39 -3.37
N MET A 355 19.10 10.33 -3.76
CA MET A 355 19.67 9.20 -4.55
C MET A 355 19.83 9.59 -6.02
N GLY A 356 18.98 10.49 -6.52
CA GLY A 356 19.12 11.13 -7.85
C GLY A 356 20.44 11.88 -7.97
N SER A 357 20.89 12.47 -6.85
CA SER A 357 22.16 13.19 -6.72
C SER A 357 23.30 12.19 -6.48
N ALA A 358 23.19 11.34 -5.44
CA ALA A 358 24.26 10.41 -4.96
C ALA A 358 24.67 9.37 -6.02
N ARG A 359 23.91 9.21 -7.11
CA ARG A 359 24.17 8.23 -8.20
C ARG A 359 24.35 8.95 -9.54
N SER A 360 24.69 10.24 -9.52
CA SER A 360 24.77 11.12 -10.74
C SER A 360 26.21 11.21 -11.25
N GLN A 361 27.04 10.19 -11.02
CA GLN A 361 28.38 10.07 -11.63
C GLN A 361 28.36 8.83 -12.53
N PHE A 362 29.01 8.92 -13.70
CA PHE A 362 28.94 7.93 -14.80
C PHE A 362 29.55 6.59 -14.38
N LEU A 363 28.81 5.51 -14.67
CA LEU A 363 29.31 4.12 -14.67
C LEU A 363 28.84 3.48 -15.97
N ARG A 364 29.69 2.64 -16.57
CA ARG A 364 29.37 1.90 -17.82
C ARG A 364 28.16 1.01 -17.57
N ARG A 365 28.03 0.43 -16.37
CA ARG A 365 26.78 -0.26 -15.94
C ARG A 365 26.44 0.05 -14.48
N ASP A 366 25.29 0.71 -14.31
CA ASP A 366 24.55 0.96 -13.04
C ASP A 366 23.79 -0.31 -12.65
N LYS A 367 23.91 -0.76 -11.40
CA LYS A 367 23.17 -1.94 -10.87
C LYS A 367 21.76 -1.51 -10.47
N ASN A 368 20.74 -2.24 -10.94
CA ASN A 368 19.31 -1.99 -10.62
C ASN A 368 18.66 -3.29 -10.12
N ILE A 369 17.40 -3.20 -9.69
CA ILE A 369 16.70 -4.28 -8.92
C ILE A 369 16.29 -5.41 -9.86
N LEU A 370 16.20 -5.15 -11.18
CA LEU A 370 15.99 -6.20 -12.21
C LEU A 370 17.30 -7.00 -12.32
N GLY A 371 17.35 -8.20 -11.75
CA GLY A 371 18.58 -9.01 -11.73
C GLY A 371 19.00 -9.41 -13.14
N SER A 372 18.35 -10.46 -13.67
CA SER A 372 18.40 -10.89 -15.09
C SER A 372 17.14 -10.38 -15.79
N ARG A 373 17.18 -9.14 -16.30
CA ARG A 373 16.05 -8.47 -16.98
C ARG A 373 15.61 -9.34 -18.17
N GLY A 374 14.31 -9.66 -18.28
CA GLY A 374 13.75 -10.48 -19.38
C GLY A 374 12.41 -9.93 -19.87
#